data_8R63
#
_entry.id   8R63
#
loop_
_entity.id
_entity.type
_entity.pdbx_description
1 polymer "RNA (5'-R(*AP*UP*AP*CP*(PSU)P*(PSU)P*AP*CP*CP*UP*G)-3')"
2 polymer "RNA (5'-R(P*GP*GP*AP*GP*UP*AP*AP*GP*UP*CP*U)-3')"
3 non-polymer Branaplam
#
loop_
_entity_poly.entity_id
_entity_poly.type
_entity_poly.pdbx_seq_one_letter_code
_entity_poly.pdbx_strand_id
1 'polyribonucleotide' AUAC(PSU)(PSU)ACCUG A
2 'polyribonucleotide' GGAGUAAGUCU B
#